data_6JT5
#
_entry.id   6JT5
#
_cell.length_a   62.298
_cell.length_b   47.851
_cell.length_c   69.375
_cell.angle_alpha   90.00
_cell.angle_beta   115.55
_cell.angle_gamma   90.00
#
_symmetry.space_group_name_H-M   'P 1 21 1'
#
loop_
_entity.id
_entity.type
_entity.pdbx_description
1 polymer 'Extracellular PQQ-dependent sugar dehydrogenase'
2 non-polymer 2-acetamido-2-deoxy-beta-D-glucopyranose
3 non-polymer 'CALCIUM ION'
4 non-polymer 'SULFATE ION'
5 non-polymer 'FORMIC ACID'
6 non-polymer 'TRIETHYLENE GLYCOL'
7 non-polymer GLYCEROL
8 water water
#
_entity_poly.entity_id   1
_entity_poly.type   'polypeptide(L)'
_entity_poly.pdbx_seq_one_letter_code
;TFVSCPGAPQPRYQMNVANGFRVAPVLGGLTMPRGITLDTRGNLLVVERGRGLTGHTLDANGCVTSSKVVIQDTQINHGI
DVHPSGRRIIASSGDIAWSWDYDPATMTATNRRTLVTGMNNFYHFTRTVHISRKYPNLFALNVGSDGNIDVPTRQQNSGR
AQIRVFDYDQLPQNGVPFVSQYGRVLGYGLRNDVGITEDRAGNIHSIENSLDNAYRMVNGQRRDIHTNNPAEKVYNLGDP
SNPRAIFGGYPDCYTVWEPSDFTDSPKQPGDWFTQDNSGQYTDAWCNANAVKPTLLLPPHTAPLDMKFGLGNDTNLYVAL
HGSWNRQPPQGYKVVVVPGQYSASGEWSPTAPLAQSRTAWSDLLTNRNENQCSGFGNANCFRPVGLVWSADGQNLYVSSD
TSGEVFIIKR
;
_entity_poly.pdbx_strand_id   A
#
loop_
_chem_comp.id
_chem_comp.type
_chem_comp.name
_chem_comp.formula
CA non-polymer 'CALCIUM ION' 'Ca 2'
FMT non-polymer 'FORMIC ACID' 'C H2 O2'
GOL non-polymer GLYCEROL 'C3 H8 O3'
NAG D-saccharide, beta linking 2-acetamido-2-deoxy-beta-D-glucopyranose 'C8 H15 N O6'
PGE non-polymer 'TRIETHYLENE GLYCOL' 'C6 H14 O4'
SO4 non-polymer 'SULFATE ION' 'O4 S -2'
#
# COMPACT_ATOMS: atom_id res chain seq x y z
N PHE A 2 -15.31 -25.48 2.83
CA PHE A 2 -13.81 -25.34 2.99
C PHE A 2 -13.40 -25.12 4.45
N VAL A 3 -12.42 -25.94 4.84
CA VAL A 3 -11.74 -25.74 6.11
C VAL A 3 -10.25 -25.42 5.95
N SER A 4 -9.52 -26.20 5.13
CA SER A 4 -8.06 -26.03 5.11
C SER A 4 -7.48 -26.52 3.79
N CYS A 5 -6.21 -26.24 3.56
CA CYS A 5 -5.52 -26.69 2.35
C CYS A 5 -4.62 -27.87 2.62
N PRO A 6 -4.55 -28.83 1.70
CA PRO A 6 -3.64 -29.94 1.87
C PRO A 6 -2.23 -29.60 2.14
N GLY A 7 -1.68 -30.17 3.21
CA GLY A 7 -0.29 -30.00 3.51
C GLY A 7 0.06 -28.63 4.14
N ALA A 8 -0.92 -27.74 4.23
CA ALA A 8 -0.63 -26.41 4.75
C ALA A 8 -0.47 -26.44 6.28
N PRO A 9 0.35 -25.53 6.82
CA PRO A 9 0.49 -25.44 8.25
C PRO A 9 -0.71 -24.85 8.97
N GLN A 10 -0.77 -25.06 10.29
CA GLN A 10 -1.73 -24.36 11.06
C GLN A 10 -1.31 -22.85 11.11
N PRO A 11 -2.25 -21.96 11.36
CA PRO A 11 -1.86 -20.54 11.48
C PRO A 11 -0.99 -20.35 12.72
N ARG A 12 -0.02 -19.44 12.63
CA ARG A 12 0.84 -19.18 13.76
CA ARG A 12 0.86 -19.18 13.78
C ARG A 12 0.10 -18.55 14.93
N TYR A 13 -0.94 -17.76 14.61
CA TYR A 13 -1.68 -17.00 15.62
C TYR A 13 -3.15 -17.20 15.34
N GLN A 14 -3.98 -16.92 16.36
CA GLN A 14 -5.39 -16.93 16.13
C GLN A 14 -5.81 -15.97 15.01
N MET A 15 -6.74 -16.38 14.17
CA MET A 15 -7.16 -15.56 13.08
C MET A 15 -8.67 -15.55 13.04
N ASN A 16 -9.24 -14.36 13.03
CA ASN A 16 -10.67 -14.17 12.97
C ASN A 16 -11.06 -13.57 11.67
N VAL A 17 -12.06 -14.10 11.01
CA VAL A 17 -12.54 -13.52 9.78
C VAL A 17 -14.02 -13.28 9.88
N ALA A 18 -14.49 -12.25 9.18
CA ALA A 18 -15.91 -11.85 9.23
C ALA A 18 -16.81 -13.01 8.84
N ASN A 19 -18.00 -12.97 9.47
CA ASN A 19 -18.98 -14.02 9.19
C ASN A 19 -19.30 -14.01 7.70
N GLY A 20 -19.42 -15.22 7.15
CA GLY A 20 -19.57 -15.42 5.78
C GLY A 20 -18.31 -15.89 5.03
N PHE A 21 -17.13 -15.66 5.63
CA PHE A 21 -15.89 -16.05 5.02
C PHE A 21 -15.24 -17.15 5.86
N ARG A 22 -14.24 -17.80 5.26
CA ARG A 22 -13.32 -18.70 5.97
C ARG A 22 -11.91 -18.27 5.68
N VAL A 23 -10.97 -18.48 6.60
CA VAL A 23 -9.56 -18.18 6.34
C VAL A 23 -8.73 -19.38 6.74
N ALA A 24 -7.64 -19.61 5.99
CA ALA A 24 -6.68 -20.62 6.28
C ALA A 24 -5.33 -20.27 5.71
N PRO A 25 -4.26 -20.75 6.28
CA PRO A 25 -2.95 -20.55 5.59
C PRO A 25 -2.88 -21.32 4.28
N VAL A 26 -2.23 -20.75 3.28
CA VAL A 26 -1.80 -21.53 2.11
C VAL A 26 -0.35 -21.79 2.12
N LEU A 27 0.46 -20.98 2.80
CA LEU A 27 1.89 -21.12 2.87
C LEU A 27 2.37 -20.67 4.22
N GLY A 28 3.35 -21.38 4.77
CA GLY A 28 4.09 -20.95 5.91
C GLY A 28 5.60 -21.22 5.75
N GLY A 29 6.39 -20.75 6.71
CA GLY A 29 7.83 -20.95 6.63
C GLY A 29 8.49 -20.14 5.55
N LEU A 30 7.82 -19.09 5.06
CA LEU A 30 8.36 -18.26 4.01
C LEU A 30 9.31 -17.22 4.60
N THR A 31 10.16 -16.62 3.75
CA THR A 31 11.06 -15.60 4.13
C THR A 31 10.48 -14.20 3.87
N MET A 32 10.03 -13.52 4.92
CA MET A 32 9.49 -12.15 4.79
C MET A 32 8.64 -11.96 3.54
N PRO A 33 7.50 -12.64 3.42
CA PRO A 33 6.63 -12.46 2.27
C PRO A 33 6.01 -11.08 2.30
N ARG A 34 6.11 -10.40 1.15
CA ARG A 34 5.71 -9.00 1.04
C ARG A 34 4.64 -8.84 0.01
N GLY A 35 4.95 -8.21 -1.13
CA GLY A 35 3.99 -8.12 -2.19
C GLY A 35 3.61 -9.45 -2.76
N ILE A 36 2.33 -9.61 -3.07
CA ILE A 36 1.76 -10.80 -3.72
C ILE A 36 0.88 -10.41 -4.88
N THR A 37 0.84 -11.26 -5.88
CA THR A 37 -0.08 -11.05 -7.00
C THR A 37 -0.40 -12.41 -7.59
N LEU A 38 -1.33 -12.39 -8.54
CA LEU A 38 -1.69 -13.60 -9.36
C LEU A 38 -1.35 -13.31 -10.78
N ASP A 39 -0.82 -14.30 -11.48
CA ASP A 39 -0.55 -14.16 -12.92
C ASP A 39 -1.80 -14.52 -13.70
N THR A 40 -1.70 -14.47 -15.00
CA THR A 40 -2.87 -14.64 -15.84
C THR A 40 -3.36 -16.06 -15.93
N ARG A 41 -2.63 -17.01 -15.38
CA ARG A 41 -3.11 -18.38 -15.16
C ARG A 41 -3.68 -18.54 -13.77
N GLY A 42 -3.63 -17.48 -12.96
CA GLY A 42 -4.15 -17.57 -11.57
C GLY A 42 -3.10 -18.06 -10.55
N ASN A 43 -1.85 -18.35 -10.99
N ASN A 43 -1.88 -18.24 -10.91
CA ASN A 43 -0.67 -18.76 -10.14
CA ASN A 43 -0.99 -18.74 -9.96
C ASN A 43 -0.38 -17.60 -9.17
C ASN A 43 -0.35 -17.59 -9.17
N LEU A 44 0.08 -17.95 -7.98
CA LEU A 44 0.49 -16.98 -6.96
C LEU A 44 1.94 -16.66 -7.02
N LEU A 45 2.27 -15.36 -7.05
CA LEU A 45 3.68 -14.89 -7.01
C LEU A 45 3.85 -14.09 -5.70
N VAL A 46 4.94 -14.35 -5.02
CA VAL A 46 5.22 -13.80 -3.69
C VAL A 46 6.65 -13.27 -3.65
N VAL A 47 6.81 -11.98 -3.27
CA VAL A 47 8.13 -11.48 -2.98
C VAL A 47 8.54 -11.90 -1.60
N GLU A 48 9.50 -12.80 -1.50
CA GLU A 48 10.03 -13.26 -0.22
C GLU A 48 11.29 -12.49 0.02
N ARG A 49 11.22 -11.42 0.76
CA ARG A 49 12.32 -10.47 0.89
C ARG A 49 13.52 -11.14 1.55
N GLY A 50 14.63 -11.19 0.81
CA GLY A 50 15.85 -11.89 1.18
C GLY A 50 16.03 -13.17 0.45
N ARG A 51 15.08 -13.58 -0.34
N ARG A 51 15.05 -13.60 -0.30
CA ARG A 51 15.16 -14.81 -1.09
CA ARG A 51 15.12 -14.82 -1.11
C ARG A 51 14.87 -14.61 -2.58
C ARG A 51 14.93 -14.52 -2.56
N GLY A 52 13.80 -13.89 -2.91
CA GLY A 52 13.47 -13.58 -4.30
C GLY A 52 12.00 -13.72 -4.52
N LEU A 53 11.58 -13.90 -5.74
CA LEU A 53 10.21 -14.06 -6.10
C LEU A 53 9.92 -15.53 -6.18
N THR A 54 8.96 -16.01 -5.44
CA THR A 54 8.56 -17.39 -5.51
C THR A 54 7.19 -17.53 -6.20
N GLY A 55 6.98 -18.64 -6.87
CA GLY A 55 5.80 -18.90 -7.66
C GLY A 55 5.14 -20.18 -7.20
N HIS A 56 3.84 -20.18 -7.19
CA HIS A 56 3.08 -21.27 -6.55
C HIS A 56 1.85 -21.58 -7.40
N THR A 57 1.78 -22.85 -7.86
CA THR A 57 0.63 -23.28 -8.63
C THR A 57 -0.48 -23.64 -7.66
N LEU A 58 -1.69 -23.38 -8.10
CA LEU A 58 -2.88 -23.52 -7.26
C LEU A 58 -3.83 -24.57 -7.76
N ASP A 59 -4.57 -25.18 -6.85
CA ASP A 59 -5.65 -26.10 -7.19
C ASP A 59 -6.95 -25.36 -7.28
N ALA A 60 -8.03 -26.14 -7.52
CA ALA A 60 -9.34 -25.58 -7.72
C ALA A 60 -9.89 -24.80 -6.55
N ASN A 61 -9.38 -25.09 -5.33
CA ASN A 61 -9.77 -24.38 -4.12
C ASN A 61 -8.88 -23.21 -3.80
N GLY A 62 -7.87 -22.98 -4.64
CA GLY A 62 -6.91 -21.88 -4.34
C GLY A 62 -5.78 -22.26 -3.46
N CYS A 63 -5.59 -23.54 -3.17
CA CYS A 63 -4.52 -24.04 -2.33
C CYS A 63 -3.29 -24.33 -3.15
N VAL A 64 -2.09 -24.27 -2.55
CA VAL A 64 -0.84 -24.46 -3.27
C VAL A 64 -0.54 -25.95 -3.58
N THR A 65 -0.19 -26.22 -4.81
CA THR A 65 0.16 -27.57 -5.21
C THR A 65 1.65 -27.69 -5.57
N SER A 66 2.36 -26.59 -5.82
CA SER A 66 3.81 -26.61 -6.02
C SER A 66 4.38 -25.24 -5.79
N SER A 67 5.67 -25.18 -5.52
CA SER A 67 6.40 -23.96 -5.24
C SER A 67 7.75 -23.99 -5.94
N LYS A 68 8.16 -22.85 -6.51
CA LYS A 68 9.49 -22.75 -7.08
C LYS A 68 10.01 -21.34 -6.90
N VAL A 69 11.30 -21.14 -7.14
CA VAL A 69 11.89 -19.80 -7.20
C VAL A 69 11.84 -19.32 -8.60
N VAL A 70 11.15 -18.18 -8.84
CA VAL A 70 10.99 -17.57 -10.15
C VAL A 70 12.14 -16.60 -10.38
N ILE A 71 12.44 -15.77 -9.38
CA ILE A 71 13.63 -14.89 -9.44
C ILE A 71 14.46 -15.12 -8.20
N GLN A 72 15.69 -15.57 -8.37
CA GLN A 72 16.60 -15.74 -7.29
CA GLN A 72 16.59 -15.74 -7.26
C GLN A 72 17.32 -14.41 -7.08
N ASP A 73 16.97 -13.65 -6.04
CA ASP A 73 17.48 -12.30 -5.88
C ASP A 73 17.22 -11.86 -4.46
N THR A 74 18.25 -11.50 -3.73
CA THR A 74 18.15 -11.15 -2.35
C THR A 74 17.85 -9.67 -2.09
N GLN A 75 17.73 -8.88 -3.15
CA GLN A 75 17.49 -7.45 -3.01
C GLN A 75 16.05 -7.00 -3.29
N ILE A 76 15.31 -7.73 -4.13
CA ILE A 76 13.95 -7.33 -4.35
C ILE A 76 13.21 -7.45 -3.02
N ASN A 77 12.44 -6.42 -2.63
CA ASN A 77 12.05 -6.27 -1.26
C ASN A 77 10.58 -6.00 -0.98
N HIS A 78 9.78 -5.87 -2.01
CA HIS A 78 8.32 -5.59 -1.76
C HIS A 78 7.55 -5.64 -3.03
N GLY A 79 7.87 -4.76 -3.97
CA GLY A 79 7.02 -4.50 -5.15
C GLY A 79 7.07 -5.62 -6.17
N ILE A 80 5.95 -5.88 -6.78
CA ILE A 80 5.79 -6.92 -7.86
C ILE A 80 4.52 -6.60 -8.59
N ASP A 81 4.54 -6.73 -9.88
CA ASP A 81 3.30 -6.68 -10.64
C ASP A 81 3.50 -7.47 -11.94
N VAL A 82 2.44 -8.03 -12.48
CA VAL A 82 2.39 -8.76 -13.76
C VAL A 82 1.69 -7.83 -14.74
N HIS A 83 2.31 -7.66 -15.90
CA HIS A 83 1.67 -6.93 -16.99
C HIS A 83 0.38 -7.60 -17.40
N PRO A 84 -0.65 -6.80 -17.81
CA PRO A 84 -1.91 -7.38 -18.29
C PRO A 84 -1.75 -8.47 -19.36
N SER A 85 -0.74 -8.42 -20.20
CA SER A 85 -0.50 -9.49 -21.20
C SER A 85 -0.17 -10.79 -20.58
N GLY A 86 0.31 -10.78 -19.34
CA GLY A 86 0.76 -11.94 -18.66
C GLY A 86 2.20 -12.35 -18.97
N ARG A 87 2.91 -11.61 -19.81
CA ARG A 87 4.19 -12.08 -20.35
C ARG A 87 5.38 -11.26 -19.89
N ARG A 88 5.13 -10.40 -18.91
CA ARG A 88 6.18 -9.52 -18.38
C ARG A 88 5.87 -9.29 -16.92
N ILE A 89 6.91 -9.24 -16.07
CA ILE A 89 6.78 -8.86 -14.65
C ILE A 89 7.73 -7.72 -14.38
N ILE A 90 7.33 -6.91 -13.38
CA ILE A 90 8.22 -5.87 -12.80
C ILE A 90 8.38 -6.07 -11.33
N ALA A 91 9.60 -6.00 -10.83
CA ALA A 91 9.86 -6.08 -9.40
C ALA A 91 11.04 -5.19 -9.04
N SER A 92 11.10 -4.77 -7.80
CA SER A 92 12.03 -3.71 -7.40
C SER A 92 12.77 -4.03 -6.10
N SER A 93 14.00 -3.53 -6.04
CA SER A 93 14.73 -3.36 -4.80
C SER A 93 14.43 -1.95 -4.24
N GLY A 94 15.11 -1.53 -3.19
CA GLY A 94 15.03 -0.15 -2.80
C GLY A 94 15.59 0.85 -3.75
N ASP A 95 16.44 0.37 -4.65
CA ASP A 95 17.17 1.22 -5.54
C ASP A 95 16.72 1.21 -6.98
N ILE A 96 16.33 0.03 -7.48
CA ILE A 96 16.10 -0.22 -8.89
C ILE A 96 14.81 -0.96 -9.12
N ALA A 97 14.09 -0.59 -10.19
CA ALA A 97 13.01 -1.42 -10.74
C ALA A 97 13.49 -2.06 -12.00
N TRP A 98 13.25 -3.37 -12.12
CA TRP A 98 13.57 -4.16 -13.28
C TRP A 98 12.35 -4.84 -13.86
N SER A 99 12.40 -5.19 -15.14
CA SER A 99 11.42 -6.09 -15.75
C SER A 99 12.10 -7.37 -16.14
N TRP A 100 11.26 -8.40 -16.26
CA TRP A 100 11.62 -9.67 -16.82
C TRP A 100 10.60 -10.13 -17.83
N ASP A 101 11.02 -10.84 -18.89
CA ASP A 101 10.11 -11.68 -19.67
C ASP A 101 9.61 -12.78 -18.74
N TYR A 102 8.32 -13.13 -18.87
CA TYR A 102 7.69 -14.11 -17.97
C TYR A 102 6.87 -15.08 -18.77
N ASP A 103 7.05 -16.35 -18.46
CA ASP A 103 6.23 -17.42 -19.08
C ASP A 103 5.39 -18.03 -17.99
N PRO A 104 4.08 -17.75 -18.02
CA PRO A 104 3.24 -18.33 -16.94
C PRO A 104 3.06 -19.85 -17.00
N ALA A 105 3.39 -20.43 -18.13
CA ALA A 105 3.22 -21.92 -18.23
C ALA A 105 4.21 -22.62 -17.35
N THR A 106 5.37 -22.02 -17.10
CA THR A 106 6.42 -22.61 -16.31
C THR A 106 6.85 -21.74 -15.12
N MET A 107 6.19 -20.57 -14.99
CA MET A 107 6.61 -19.51 -14.01
C MET A 107 8.09 -19.25 -14.05
N THR A 108 8.55 -18.82 -15.23
CA THR A 108 9.98 -18.58 -15.51
C THR A 108 10.17 -17.16 -15.96
N ALA A 109 11.14 -16.49 -15.29
CA ALA A 109 11.47 -15.09 -15.59
C ALA A 109 12.84 -15.02 -16.17
N THR A 110 12.95 -14.33 -17.31
CA THR A 110 14.24 -14.20 -18.01
C THR A 110 14.51 -12.81 -18.48
N ASN A 111 15.73 -12.56 -18.88
CA ASN A 111 16.09 -11.31 -19.56
C ASN A 111 15.86 -10.04 -18.70
N ARG A 112 16.44 -10.02 -17.51
CA ARG A 112 16.31 -8.88 -16.59
CA ARG A 112 16.31 -8.87 -16.58
C ARG A 112 16.70 -7.59 -17.31
N ARG A 113 15.89 -6.54 -17.18
CA ARG A 113 16.10 -5.28 -17.79
C ARG A 113 15.97 -4.21 -16.74
N THR A 114 16.93 -3.32 -16.65
CA THR A 114 16.84 -2.16 -15.74
C THR A 114 15.94 -1.08 -16.26
N LEU A 115 14.92 -0.71 -15.49
CA LEU A 115 13.96 0.33 -15.90
C LEU A 115 14.26 1.68 -15.25
N VAL A 116 14.31 1.69 -13.92
CA VAL A 116 14.39 2.92 -13.13
C VAL A 116 15.39 2.75 -12.02
N THR A 117 16.25 3.77 -11.84
CA THR A 117 17.40 3.68 -10.91
C THR A 117 17.45 4.81 -9.92
N GLY A 118 18.37 4.66 -8.95
CA GLY A 118 18.67 5.70 -8.04
C GLY A 118 17.73 5.97 -6.92
N MET A 119 16.90 5.01 -6.57
CA MET A 119 15.85 5.29 -5.62
C MET A 119 16.19 5.01 -4.17
N ASN A 120 17.35 4.47 -3.83
CA ASN A 120 17.52 3.95 -2.48
C ASN A 120 17.52 5.04 -1.39
N ASN A 121 16.81 4.71 -0.31
CA ASN A 121 17.10 5.26 0.98
C ASN A 121 16.86 4.19 2.00
N PHE A 122 17.38 4.31 3.22
CA PHE A 122 17.32 3.23 4.21
C PHE A 122 16.17 3.35 5.14
N TYR A 123 15.37 4.38 5.02
CA TYR A 123 14.26 4.67 5.97
C TYR A 123 12.92 4.17 5.49
N HIS A 124 12.54 4.60 4.28
CA HIS A 124 11.40 4.04 3.53
C HIS A 124 11.98 3.47 2.24
N PHE A 125 12.07 2.13 2.19
CA PHE A 125 12.87 1.45 1.18
C PHE A 125 12.10 0.53 0.29
N THR A 126 10.79 0.51 0.38
CA THR A 126 9.96 -0.25 -0.55
C THR A 126 9.65 0.58 -1.78
N ARG A 127 9.52 -0.08 -2.94
CA ARG A 127 9.31 0.62 -4.20
C ARG A 127 8.17 -0.03 -4.93
N THR A 128 6.98 0.22 -4.40
CA THR A 128 5.76 -0.36 -4.99
C THR A 128 5.69 -0.05 -6.47
N VAL A 129 5.30 -1.09 -7.22
CA VAL A 129 5.06 -1.09 -8.66
CA VAL A 129 4.99 -0.91 -8.66
C VAL A 129 3.54 -1.28 -8.90
N HIS A 130 2.95 -0.44 -9.74
CA HIS A 130 1.61 -0.73 -10.27
C HIS A 130 1.58 -0.46 -11.76
N ILE A 131 1.38 -1.52 -12.56
CA ILE A 131 1.22 -1.34 -14.01
C ILE A 131 -0.21 -0.90 -14.26
N SER A 132 -0.42 0.11 -15.07
CA SER A 132 -1.78 0.58 -15.40
C SER A 132 -2.50 -0.45 -16.24
N ARG A 133 -3.68 -0.82 -15.82
CA ARG A 133 -4.53 -1.69 -16.66
C ARG A 133 -5.21 -0.89 -17.76
N LYS A 134 -5.64 0.32 -17.45
CA LYS A 134 -6.28 1.12 -18.47
CA LYS A 134 -6.29 1.19 -18.44
C LYS A 134 -5.31 1.55 -19.58
N TYR A 135 -4.02 1.78 -19.23
CA TYR A 135 -3.00 2.25 -20.16
C TYR A 135 -1.79 1.32 -19.96
N PRO A 136 -1.77 0.10 -20.54
CA PRO A 136 -0.78 -0.89 -20.20
C PRO A 136 0.70 -0.63 -20.51
N ASN A 137 0.91 0.46 -21.23
CA ASN A 137 2.28 0.99 -21.44
C ASN A 137 2.82 1.80 -20.27
N LEU A 138 1.96 2.17 -19.30
CA LEU A 138 2.38 2.97 -18.15
C LEU A 138 2.54 2.15 -16.88
N PHE A 139 3.49 2.56 -16.05
CA PHE A 139 3.61 1.98 -14.73
C PHE A 139 3.99 3.00 -13.72
N ALA A 140 3.49 2.86 -12.50
CA ALA A 140 3.76 3.80 -11.37
C ALA A 140 4.73 3.13 -10.42
N LEU A 141 5.60 3.96 -9.83
CA LEU A 141 6.54 3.56 -8.77
C LEU A 141 6.48 4.56 -7.66
N ASN A 142 6.46 4.03 -6.42
CA ASN A 142 6.54 4.81 -5.20
C ASN A 142 7.95 4.90 -4.67
N VAL A 143 8.33 6.10 -4.15
CA VAL A 143 9.53 6.27 -3.31
C VAL A 143 9.11 7.01 -2.07
N GLY A 144 9.19 6.40 -0.92
CA GLY A 144 8.84 7.09 0.32
C GLY A 144 9.92 7.99 0.88
N SER A 145 9.57 8.78 1.88
CA SER A 145 10.47 9.81 2.45
C SER A 145 11.69 9.18 3.07
N ASP A 146 12.79 9.94 3.11
CA ASP A 146 14.00 9.54 3.82
C ASP A 146 13.95 10.29 5.17
N GLY A 147 13.24 9.70 6.09
CA GLY A 147 13.07 10.22 7.44
C GLY A 147 11.65 10.60 7.75
N ASN A 148 11.38 10.75 9.02
CA ASN A 148 10.02 11.04 9.46
C ASN A 148 9.51 12.31 8.84
N ILE A 149 10.30 13.36 8.88
CA ILE A 149 10.01 14.65 8.33
C ILE A 149 11.17 15.08 7.41
N ASP A 150 11.02 14.77 6.12
CA ASP A 150 12.08 14.89 5.10
C ASP A 150 11.78 16.21 4.41
N VAL A 151 12.38 17.29 4.92
CA VAL A 151 12.09 18.63 4.45
C VAL A 151 12.30 18.89 2.96
N PRO A 152 13.31 18.29 2.35
CA PRO A 152 13.47 18.49 0.93
C PRO A 152 12.32 18.04 0.04
N THR A 153 11.42 17.17 0.58
CA THR A 153 10.31 16.69 -0.20
C THR A 153 9.24 17.70 -0.49
N ARG A 154 9.37 18.92 0.01
CA ARG A 154 8.62 20.05 -0.49
C ARG A 154 8.83 20.19 -2.01
N GLN A 155 9.97 19.80 -2.53
CA GLN A 155 10.32 19.91 -3.94
CA GLN A 155 10.22 19.91 -3.96
C GLN A 155 10.05 18.60 -4.61
N GLN A 156 9.40 18.63 -5.74
CA GLN A 156 9.27 17.42 -6.58
C GLN A 156 10.58 16.78 -6.94
N ASN A 157 11.58 17.58 -7.27
CA ASN A 157 12.86 17.07 -7.65
C ASN A 157 13.72 16.44 -6.59
N SER A 158 13.17 16.42 -5.37
CA SER A 158 13.79 15.57 -4.33
C SER A 158 13.78 14.11 -4.67
N GLY A 159 12.78 13.69 -5.44
CA GLY A 159 12.64 12.28 -5.73
C GLY A 159 12.11 11.39 -4.63
N ARG A 160 11.57 11.99 -3.56
CA ARG A 160 11.08 11.16 -2.45
C ARG A 160 9.71 11.64 -2.02
N ALA A 161 9.00 10.79 -1.26
CA ALA A 161 7.64 11.01 -0.83
C ALA A 161 6.76 11.28 -2.02
N GLN A 162 6.82 10.42 -3.02
CA GLN A 162 6.16 10.72 -4.28
C GLN A 162 6.00 9.48 -5.14
N ILE A 163 5.07 9.55 -6.10
CA ILE A 163 4.80 8.49 -7.08
C ILE A 163 4.99 9.08 -8.48
N ARG A 164 5.81 8.39 -9.31
CA ARG A 164 6.02 8.76 -10.67
C ARG A 164 5.48 7.71 -11.60
N VAL A 165 5.09 8.17 -12.79
CA VAL A 165 4.52 7.28 -13.80
C VAL A 165 5.47 7.32 -15.01
N PHE A 166 5.81 6.13 -15.52
CA PHE A 166 6.83 5.92 -16.60
C PHE A 166 6.12 5.23 -17.74
N ASP A 167 6.48 5.61 -18.97
CA ASP A 167 5.98 4.93 -20.21
C ASP A 167 7.00 3.88 -20.60
N TYR A 168 6.69 2.64 -20.27
CA TYR A 168 7.58 1.52 -20.58
C TYR A 168 7.93 1.48 -22.06
N ASP A 169 6.94 1.73 -22.90
CA ASP A 169 7.11 1.52 -24.35
C ASP A 169 8.01 2.56 -24.94
N GLN A 170 8.21 3.69 -24.28
CA GLN A 170 9.23 4.69 -24.71
C GLN A 170 10.45 4.83 -23.86
N LEU A 171 10.58 3.95 -22.86
CA LEU A 171 11.62 4.06 -21.92
C LEU A 171 12.98 3.70 -22.53
N PRO A 172 14.00 4.51 -22.33
CA PRO A 172 15.34 4.09 -22.80
C PRO A 172 15.68 2.72 -22.32
N GLN A 173 16.22 1.89 -23.23
CA GLN A 173 16.57 0.52 -22.84
C GLN A 173 17.62 0.32 -21.80
N ASN A 174 18.43 1.38 -21.57
CA ASN A 174 19.37 1.27 -20.48
C ASN A 174 18.78 1.57 -19.07
N GLY A 175 17.56 2.07 -19.05
CA GLY A 175 16.94 2.48 -17.81
C GLY A 175 17.32 3.96 -17.51
N VAL A 176 16.57 4.55 -16.60
CA VAL A 176 16.69 5.97 -16.30
C VAL A 176 16.58 6.26 -14.84
N PRO A 177 17.10 7.39 -14.37
CA PRO A 177 16.89 7.75 -12.97
C PRO A 177 15.43 8.01 -12.69
N PHE A 178 15.00 7.75 -11.45
CA PHE A 178 13.65 8.09 -11.02
C PHE A 178 13.32 9.58 -11.21
N VAL A 179 14.28 10.41 -10.83
CA VAL A 179 14.13 11.84 -11.05
C VAL A 179 14.69 12.14 -12.48
N SER A 180 13.73 12.17 -13.39
CA SER A 180 14.03 12.38 -14.82
C SER A 180 12.72 12.74 -15.48
N GLN A 181 12.81 13.28 -16.70
CA GLN A 181 11.64 13.60 -17.49
CA GLN A 181 11.58 13.63 -17.39
C GLN A 181 10.73 12.38 -17.75
N TYR A 182 11.33 11.17 -17.74
CA TYR A 182 10.62 9.92 -18.00
C TYR A 182 9.66 9.57 -16.86
N GLY A 183 10.00 10.02 -15.67
CA GLY A 183 9.18 9.75 -14.46
C GLY A 183 8.32 10.97 -14.22
N ARG A 184 7.10 10.95 -14.72
N ARG A 184 7.11 10.96 -14.72
CA ARG A 184 6.17 12.05 -14.59
CA ARG A 184 6.23 12.09 -14.55
C ARG A 184 5.55 12.02 -13.18
C ARG A 184 5.55 12.02 -13.18
N VAL A 185 5.60 13.13 -12.45
CA VAL A 185 5.15 13.15 -11.06
C VAL A 185 3.59 13.10 -11.07
N LEU A 186 3.03 12.02 -10.51
CA LEU A 186 1.63 11.84 -10.36
C LEU A 186 1.14 12.52 -9.09
N GLY A 187 1.86 12.22 -7.99
CA GLY A 187 1.63 12.81 -6.71
C GLY A 187 2.92 13.00 -5.99
N TYR A 188 3.06 14.08 -5.22
CA TYR A 188 4.25 14.29 -4.36
C TYR A 188 3.75 14.77 -3.01
N GLY A 189 4.62 14.99 -2.05
CA GLY A 189 4.16 15.29 -0.74
C GLY A 189 3.29 14.15 -0.18
N LEU A 190 3.74 12.91 -0.43
CA LEU A 190 3.06 11.67 -0.04
C LEU A 190 4.07 10.88 0.77
N ARG A 191 3.97 10.90 2.12
CA ARG A 191 5.06 10.51 2.97
C ARG A 191 5.58 9.13 2.65
N ASN A 192 4.69 8.13 2.64
CA ASN A 192 5.06 6.75 2.25
C ASN A 192 3.85 6.01 1.79
N ASP A 193 3.63 6.00 0.48
CA ASP A 193 2.40 5.44 -0.11
C ASP A 193 2.69 4.09 -0.73
N VAL A 194 2.78 3.11 0.15
CA VAL A 194 3.09 1.75 -0.26
C VAL A 194 2.00 1.03 -1.02
N GLY A 195 0.74 1.27 -0.64
CA GLY A 195 -0.35 0.65 -1.38
C GLY A 195 -0.81 1.52 -2.52
N ILE A 196 -0.88 0.95 -3.70
CA ILE A 196 -1.31 1.66 -4.93
C ILE A 196 -2.18 0.71 -5.71
N THR A 197 -3.36 1.14 -6.13
CA THR A 197 -4.20 0.38 -7.00
C THR A 197 -4.89 1.32 -7.96
N GLU A 198 -5.82 0.73 -8.77
CA GLU A 198 -6.57 1.54 -9.71
C GLU A 198 -8.01 1.11 -9.72
N ASP A 199 -8.90 2.06 -10.01
CA ASP A 199 -10.32 1.75 -10.19
C ASP A 199 -10.64 1.37 -11.59
N ARG A 200 -11.95 1.11 -11.85
CA ARG A 200 -12.40 0.64 -13.16
C ARG A 200 -12.19 1.72 -14.22
N ALA A 201 -12.23 3.01 -13.87
CA ALA A 201 -11.96 4.12 -14.76
C ALA A 201 -10.45 4.34 -15.03
N GLY A 202 -9.59 3.65 -14.29
CA GLY A 202 -8.16 3.79 -14.45
C GLY A 202 -7.54 4.83 -13.50
N ASN A 203 -8.28 5.44 -12.58
CA ASN A 203 -7.69 6.33 -11.65
C ASN A 203 -6.81 5.57 -10.72
N ILE A 204 -5.66 6.17 -10.40
CA ILE A 204 -4.74 5.60 -9.38
C ILE A 204 -5.19 6.11 -8.00
N HIS A 205 -5.32 5.16 -7.07
CA HIS A 205 -5.57 5.47 -5.67
C HIS A 205 -4.35 4.99 -4.90
N SER A 206 -3.91 5.74 -3.92
CA SER A 206 -2.77 5.38 -3.09
C SER A 206 -3.13 5.52 -1.62
N ILE A 207 -2.36 4.88 -0.72
CA ILE A 207 -2.66 4.93 0.71
C ILE A 207 -1.33 5.12 1.46
N GLU A 208 -1.44 5.87 2.56
CA GLU A 208 -0.28 6.49 3.19
C GLU A 208 -0.05 6.09 4.63
N ASN A 209 1.21 5.87 4.97
CA ASN A 209 1.77 5.82 6.31
C ASN A 209 2.25 7.15 6.70
N SER A 210 1.58 7.76 7.71
CA SER A 210 1.80 9.14 8.06
C SER A 210 2.76 9.34 9.23
N LEU A 211 2.74 10.56 9.75
CA LEU A 211 3.78 11.11 10.67
C LEU A 211 3.87 10.41 11.99
N ASP A 212 5.10 10.28 12.48
CA ASP A 212 5.32 9.72 13.82
C ASP A 212 5.59 10.84 14.83
N ASN A 213 5.21 10.56 16.08
CA ASN A 213 5.49 11.47 17.18
C ASN A 213 4.93 12.87 16.91
N ALA A 214 3.74 12.94 16.35
CA ALA A 214 3.10 14.23 16.11
C ALA A 214 2.97 15.06 17.39
N TYR A 215 3.21 16.36 17.22
CA TYR A 215 2.91 17.30 18.31
C TYR A 215 2.12 18.48 17.70
N ARG A 216 1.58 19.33 18.59
CA ARG A 216 0.95 20.57 18.22
C ARG A 216 1.42 21.65 19.22
N MET A 217 1.87 22.72 18.69
CA MET A 217 2.24 23.89 19.55
C MET A 217 1.04 24.59 20.04
N VAL A 218 0.95 24.75 21.38
CA VAL A 218 -0.16 25.47 21.99
C VAL A 218 0.48 26.43 23.01
N ASN A 219 0.35 27.74 22.79
CA ASN A 219 0.94 28.73 23.72
C ASN A 219 2.43 28.55 23.85
N GLY A 220 3.12 28.35 22.74
CA GLY A 220 4.55 28.13 22.77
C GLY A 220 4.98 26.86 23.46
N GLN A 221 4.07 25.94 23.74
CA GLN A 221 4.50 24.63 24.29
C GLN A 221 4.06 23.45 23.38
N ARG A 222 4.95 22.49 23.25
CA ARG A 222 4.69 21.31 22.39
CA ARG A 222 4.79 21.30 22.45
C ARG A 222 3.79 20.36 23.14
N ARG A 223 2.59 20.12 22.59
CA ARG A 223 1.68 19.15 23.15
C ARG A 223 1.76 17.86 22.33
N ASP A 224 1.99 16.75 23.01
CA ASP A 224 2.06 15.41 22.35
C ASP A 224 0.68 15.02 21.98
N ILE A 225 0.48 14.82 20.66
CA ILE A 225 -0.77 14.39 20.14
C ILE A 225 -0.64 13.12 19.28
N HIS A 226 0.42 12.34 19.52
CA HIS A 226 0.76 11.25 18.59
C HIS A 226 -0.08 10.07 18.76
N THR A 227 -0.76 9.83 19.90
CA THR A 227 -1.48 8.60 20.08
C THR A 227 -2.57 8.45 19.03
N ASN A 228 -3.35 9.54 18.85
CA ASN A 228 -4.51 9.56 17.99
C ASN A 228 -4.46 10.57 16.86
N ASN A 229 -3.26 10.91 16.44
CA ASN A 229 -3.06 11.73 15.27
C ASN A 229 -1.66 11.48 14.67
N PRO A 230 -1.51 11.74 13.38
CA PRO A 230 -2.52 12.06 12.40
C PRO A 230 -3.12 10.83 11.80
N ALA A 231 -4.11 10.97 10.97
CA ALA A 231 -4.74 9.86 10.26
C ALA A 231 -3.85 9.24 9.27
N GLU A 232 -4.01 7.92 9.10
CA GLU A 232 -3.59 7.29 7.79
C GLU A 232 -4.67 7.63 6.78
N LYS A 233 -4.37 7.52 5.46
CA LYS A 233 -5.27 8.12 4.50
C LYS A 233 -5.07 7.65 3.09
N VAL A 234 -6.13 7.71 2.30
CA VAL A 234 -6.10 7.41 0.86
C VAL A 234 -6.21 8.66 0.03
N TYR A 235 -5.47 8.71 -1.08
CA TYR A 235 -5.55 9.75 -2.07
C TYR A 235 -6.03 9.19 -3.37
N ASN A 236 -6.89 9.93 -4.07
CA ASN A 236 -7.25 9.58 -5.45
C ASN A 236 -6.40 10.49 -6.36
N LEU A 237 -5.39 9.87 -6.95
CA LEU A 237 -4.41 10.58 -7.81
C LEU A 237 -4.81 10.71 -9.25
N GLY A 238 -5.97 10.17 -9.58
CA GLY A 238 -6.52 10.36 -10.90
C GLY A 238 -5.78 9.64 -12.02
N ASP A 239 -5.92 10.23 -13.22
CA ASP A 239 -5.52 9.58 -14.43
C ASP A 239 -4.03 9.58 -14.64
N PRO A 240 -3.40 8.40 -14.70
CA PRO A 240 -1.95 8.36 -14.80
C PRO A 240 -1.39 8.75 -16.16
N SER A 241 -2.29 8.82 -17.13
CA SER A 241 -1.92 9.32 -18.49
C SER A 241 -1.97 10.85 -18.52
N ASN A 242 -2.45 11.49 -17.45
CA ASN A 242 -2.46 12.95 -17.35
C ASN A 242 -1.96 13.40 -16.00
N PRO A 243 -0.72 13.11 -15.72
CA PRO A 243 -0.11 13.49 -14.40
C PRO A 243 0.01 15.02 -14.26
N ARG A 244 -0.22 15.52 -13.04
CA ARG A 244 -0.21 16.97 -12.82
C ARG A 244 0.41 17.27 -11.48
N ALA A 245 1.12 16.30 -10.90
CA ALA A 245 1.87 16.58 -9.67
C ALA A 245 0.97 17.11 -8.51
N ILE A 246 0.01 16.29 -8.17
CA ILE A 246 -0.90 16.58 -7.04
C ILE A 246 -0.01 16.63 -5.80
N PHE A 247 -0.16 17.64 -4.98
CA PHE A 247 0.58 17.79 -3.71
C PHE A 247 -0.27 17.36 -2.50
N GLY A 248 0.20 16.29 -1.83
CA GLY A 248 -0.55 15.75 -0.72
C GLY A 248 -0.28 16.39 0.64
N GLY A 249 0.63 17.33 0.71
CA GLY A 249 0.84 18.13 1.91
C GLY A 249 2.10 17.81 2.70
N TYR A 250 2.63 16.59 2.65
CA TYR A 250 3.86 16.28 3.33
C TYR A 250 4.99 17.12 2.73
N PRO A 251 5.95 17.65 3.52
CA PRO A 251 6.31 17.31 4.90
C PRO A 251 5.74 18.28 5.93
N ASP A 252 4.88 19.22 5.54
CA ASP A 252 4.37 20.25 6.48
C ASP A 252 2.98 20.06 6.93
N CYS A 253 2.14 19.46 6.10
CA CYS A 253 0.70 19.38 6.32
C CYS A 253 0.27 17.93 6.58
N TYR A 254 -0.54 17.74 7.61
CA TYR A 254 -1.02 16.44 8.06
C TYR A 254 -2.53 16.47 8.25
N THR A 255 -3.11 15.27 8.37
CA THR A 255 -4.56 15.14 8.39
C THR A 255 -5.07 14.77 9.76
N VAL A 256 -6.01 15.56 10.31
CA VAL A 256 -6.62 15.29 11.59
C VAL A 256 -7.37 13.97 11.56
N TRP A 257 -7.10 13.14 12.60
CA TRP A 257 -7.97 12.03 12.98
C TRP A 257 -8.83 12.49 14.18
N GLU A 258 -8.21 12.73 15.33
CA GLU A 258 -8.95 13.07 16.57
C GLU A 258 -8.94 14.60 16.77
N PRO A 259 -10.14 15.21 16.55
CA PRO A 259 -10.20 16.64 16.79
C PRO A 259 -10.00 17.11 18.18
N SER A 260 -10.24 16.24 19.17
CA SER A 260 -10.17 16.69 20.55
C SER A 260 -8.79 17.04 21.00
N ASP A 261 -7.80 16.56 20.26
CA ASP A 261 -6.45 16.87 20.55
C ASP A 261 -6.05 18.35 20.28
N PHE A 262 -6.86 19.03 19.47
CA PHE A 262 -6.65 20.40 19.05
C PHE A 262 -7.50 21.29 19.95
N THR A 263 -6.91 21.65 21.08
CA THR A 263 -7.72 22.31 22.16
C THR A 263 -7.91 23.80 21.91
N ASP A 264 -7.15 24.38 21.03
CA ASP A 264 -7.26 25.82 20.77
C ASP A 264 -7.55 26.10 19.33
N SER A 265 -8.00 25.11 18.57
CA SER A 265 -8.26 25.23 17.13
C SER A 265 -9.41 24.26 16.81
N PRO A 266 -10.60 24.69 16.39
CA PRO A 266 -11.68 23.77 16.05
C PRO A 266 -11.37 23.00 14.75
N LYS A 267 -11.32 21.69 14.83
CA LYS A 267 -11.02 20.84 13.69
C LYS A 267 -12.10 19.75 13.59
N GLN A 268 -12.18 19.17 12.41
N GLN A 268 -12.29 19.25 12.35
CA GLN A 268 -12.93 17.97 12.17
CA GLN A 268 -13.03 18.04 11.99
C GLN A 268 -12.03 16.96 11.50
C GLN A 268 -12.04 16.98 11.51
N PRO A 269 -12.36 15.68 11.64
CA PRO A 269 -11.56 14.69 10.95
C PRO A 269 -11.40 15.02 9.49
N GLY A 270 -10.17 14.88 8.94
CA GLY A 270 -9.90 15.19 7.56
C GLY A 270 -9.30 16.59 7.35
N ASP A 271 -9.47 17.46 8.32
CA ASP A 271 -8.88 18.80 8.21
C ASP A 271 -7.39 18.71 8.23
N TRP A 272 -6.75 19.77 7.74
CA TRP A 272 -5.32 19.89 7.83
C TRP A 272 -4.91 20.37 9.20
N PHE A 273 -3.69 19.98 9.60
CA PHE A 273 -2.97 20.64 10.68
C PHE A 273 -1.49 20.59 10.40
N THR A 274 -0.81 21.55 11.02
CA THR A 274 0.62 21.64 11.03
C THR A 274 1.02 21.54 12.49
N GLN A 275 2.27 21.15 12.75
CA GLN A 275 2.74 20.99 14.11
C GLN A 275 2.95 22.32 14.83
N ASP A 276 3.53 23.28 14.11
CA ASP A 276 3.82 24.61 14.73
C ASP A 276 2.79 25.65 14.42
N ASN A 277 2.04 25.51 13.32
CA ASN A 277 1.09 26.51 12.87
C ASN A 277 1.70 27.90 12.94
N SER A 278 2.88 28.03 12.36
CA SER A 278 3.56 29.35 12.35
C SER A 278 4.43 29.44 11.15
N GLY A 279 4.96 30.61 10.91
CA GLY A 279 5.67 30.83 9.70
C GLY A 279 4.87 30.69 8.41
N GLN A 280 5.44 30.26 7.31
CA GLN A 280 4.73 30.13 6.05
C GLN A 280 3.74 29.00 6.09
N TYR A 281 4.15 27.89 6.65
CA TYR A 281 3.38 26.63 6.49
C TYR A 281 2.42 26.44 7.65
N THR A 282 1.33 27.19 7.59
CA THR A 282 0.29 27.19 8.56
C THR A 282 -0.87 26.27 8.17
N ASP A 283 -1.78 26.04 9.10
CA ASP A 283 -2.98 25.24 8.76
C ASP A 283 -3.68 25.82 7.52
N ALA A 284 -3.81 27.15 7.49
CA ALA A 284 -4.51 27.79 6.36
C ALA A 284 -3.73 27.63 5.06
N TRP A 285 -2.39 27.72 5.13
CA TRP A 285 -1.60 27.51 3.94
C TRP A 285 -1.88 26.11 3.38
N CYS A 286 -1.96 25.12 4.27
CA CYS A 286 -2.25 23.75 3.81
C CYS A 286 -3.57 23.68 3.07
N ASN A 287 -4.60 24.33 3.60
N ASN A 287 -4.61 24.33 3.60
CA ASN A 287 -5.87 24.27 2.89
CA ASN A 287 -5.91 24.39 2.91
C ASN A 287 -5.79 24.86 1.51
C ASN A 287 -5.76 24.82 1.48
N ALA A 288 -4.96 25.86 1.30
CA ALA A 288 -4.81 26.48 -0.02
C ALA A 288 -3.87 25.78 -0.98
N ASN A 289 -2.99 24.90 -0.49
CA ASN A 289 -1.93 24.42 -1.33
C ASN A 289 -1.86 22.92 -1.41
N ALA A 290 -2.54 22.17 -0.56
CA ALA A 290 -2.48 20.70 -0.55
C ALA A 290 -3.82 20.12 -0.88
N VAL A 291 -3.85 18.94 -1.45
CA VAL A 291 -5.08 18.24 -1.82
C VAL A 291 -5.43 17.23 -0.75
N LYS A 292 -6.70 17.23 -0.33
CA LYS A 292 -7.13 16.37 0.76
CA LYS A 292 -7.13 16.38 0.76
C LYS A 292 -7.27 14.93 0.31
N PRO A 293 -7.09 14.00 1.25
CA PRO A 293 -7.42 12.58 1.01
C PRO A 293 -8.93 12.36 0.88
N THR A 294 -9.29 11.17 0.43
CA THR A 294 -10.71 10.77 0.25
C THR A 294 -11.27 10.05 1.46
N LEU A 295 -10.44 9.42 2.27
CA LEU A 295 -10.87 8.65 3.42
C LEU A 295 -9.74 8.49 4.38
N LEU A 296 -10.12 8.26 5.62
CA LEU A 296 -9.19 8.08 6.74
C LEU A 296 -9.21 6.66 7.28
N LEU A 297 -8.07 6.24 7.81
CA LEU A 297 -7.94 5.03 8.65
C LEU A 297 -7.16 5.39 9.88
N PRO A 298 -7.23 4.53 10.94
CA PRO A 298 -6.79 5.02 12.22
C PRO A 298 -5.31 5.25 12.30
N PRO A 299 -4.91 6.22 13.14
CA PRO A 299 -3.48 6.56 13.29
C PRO A 299 -2.62 5.32 13.51
N HIS A 300 -1.50 5.32 12.79
CA HIS A 300 -0.40 4.34 13.01
C HIS A 300 -0.74 2.96 12.50
N THR A 301 -1.90 2.75 11.91
CA THR A 301 -2.27 1.36 11.56
C THR A 301 -1.46 0.80 10.38
N ALA A 302 -0.78 1.66 9.62
CA ALA A 302 0.27 1.22 8.71
C ALA A 302 -0.23 0.43 7.51
N PRO A 303 -1.10 1.07 6.70
CA PRO A 303 -1.56 0.36 5.48
C PRO A 303 -0.40 0.07 4.55
N LEU A 304 -0.34 -1.13 3.99
CA LEU A 304 0.71 -1.51 3.02
C LEU A 304 0.21 -1.97 1.70
N ASP A 305 -1.05 -2.26 1.57
CA ASP A 305 -1.62 -2.64 0.26
C ASP A 305 -3.08 -2.38 0.31
N MET A 306 -3.69 -2.19 -0.84
CA MET A 306 -5.11 -2.12 -0.92
CA MET A 306 -5.12 -1.86 -1.01
C MET A 306 -5.58 -2.55 -2.29
N LYS A 307 -6.77 -3.14 -2.31
CA LYS A 307 -7.34 -3.72 -3.52
C LYS A 307 -8.83 -3.52 -3.50
N PHE A 308 -9.43 -3.19 -4.65
CA PHE A 308 -10.90 -3.11 -4.79
C PHE A 308 -11.46 -4.51 -4.88
N GLY A 309 -12.66 -4.65 -4.31
CA GLY A 309 -13.44 -5.87 -4.60
C GLY A 309 -13.77 -5.98 -6.05
N LEU A 310 -14.00 -7.24 -6.47
N LEU A 310 -14.05 -7.20 -6.50
CA LEU A 310 -14.35 -7.67 -7.87
CA LEU A 310 -14.41 -7.45 -7.91
C LEU A 310 -15.76 -8.27 -7.87
C LEU A 310 -15.92 -7.51 -8.06
N GLY A 311 -16.21 -8.52 -9.09
N GLY A 311 -16.36 -7.07 -9.24
CA GLY A 311 -17.60 -9.00 -9.26
CA GLY A 311 -17.73 -7.40 -9.64
C GLY A 311 -18.63 -8.00 -8.76
C GLY A 311 -18.77 -6.76 -8.74
N ASN A 312 -19.50 -8.46 -7.83
N ASN A 312 -19.55 -7.64 -8.13
CA ASN A 312 -20.49 -7.54 -7.27
CA ASN A 312 -20.65 -7.23 -7.27
C ASN A 312 -20.10 -6.57 -6.11
C ASN A 312 -20.19 -6.68 -5.90
N ASP A 313 -18.86 -6.73 -5.68
CA ASP A 313 -18.32 -6.10 -4.49
C ASP A 313 -17.68 -4.73 -4.80
N THR A 314 -18.19 -3.70 -4.21
CA THR A 314 -17.79 -2.33 -4.53
C THR A 314 -16.99 -1.72 -3.39
N ASN A 315 -16.48 -2.55 -2.50
CA ASN A 315 -15.65 -2.09 -1.40
C ASN A 315 -14.16 -1.92 -1.79
N LEU A 316 -13.45 -1.28 -0.88
CA LEU A 316 -11.99 -1.22 -0.88
C LEU A 316 -11.48 -2.05 0.28
N TYR A 317 -10.50 -2.90 0.04
CA TYR A 317 -9.90 -3.77 1.10
C TYR A 317 -8.49 -3.26 1.37
N VAL A 318 -8.10 -3.19 2.63
CA VAL A 318 -6.82 -2.55 3.04
C VAL A 318 -6.13 -3.41 4.06
N ALA A 319 -4.84 -3.70 3.78
CA ALA A 319 -3.96 -4.46 4.72
C ALA A 319 -3.30 -3.47 5.66
N LEU A 320 -3.58 -3.58 6.96
CA LEU A 320 -2.99 -2.76 8.01
C LEU A 320 -1.92 -3.57 8.76
N HIS A 321 -0.68 -3.17 8.59
CA HIS A 321 0.46 -3.91 9.13
C HIS A 321 0.59 -3.80 10.63
N GLY A 322 -0.03 -2.79 11.24
CA GLY A 322 0.07 -2.59 12.67
C GLY A 322 1.09 -1.55 13.06
N SER A 323 0.79 -0.86 14.18
CA SER A 323 1.65 0.22 14.65
C SER A 323 2.88 -0.16 15.40
N TRP A 324 3.83 0.78 15.43
CA TRP A 324 4.86 0.75 16.43
C TRP A 324 4.82 1.97 17.32
N ASN A 325 4.31 3.09 16.82
CA ASN A 325 4.36 4.39 17.52
C ASN A 325 3.05 4.76 18.19
N ARG A 326 2.39 3.74 18.78
CA ARG A 326 1.17 3.96 19.54
C ARG A 326 1.10 3.03 20.72
N GLN A 327 0.62 3.53 21.84
CA GLN A 327 0.21 2.68 22.93
C GLN A 327 -1.21 2.92 23.31
N PRO A 328 -2.04 1.91 23.36
CA PRO A 328 -1.73 0.49 22.97
C PRO A 328 -1.61 0.37 21.44
N PRO A 329 -1.02 -0.69 20.94
CA PRO A 329 -0.89 -0.82 19.51
C PRO A 329 -2.24 -1.08 18.84
N GLN A 330 -2.30 -0.73 17.55
CA GLN A 330 -3.50 -1.01 16.78
C GLN A 330 -3.17 -1.30 15.34
N GLY A 331 -4.11 -1.93 14.67
CA GLY A 331 -3.99 -2.36 13.27
C GLY A 331 -3.92 -3.86 13.22
N TYR A 332 -2.96 -4.42 12.49
CA TYR A 332 -2.73 -5.85 12.46
C TYR A 332 -3.95 -6.59 11.96
N LYS A 333 -4.41 -6.15 10.79
CA LYS A 333 -5.76 -6.60 10.28
C LYS A 333 -5.94 -6.22 8.85
N VAL A 334 -6.95 -6.82 8.25
CA VAL A 334 -7.45 -6.34 6.99
C VAL A 334 -8.81 -5.76 7.23
N VAL A 335 -9.06 -4.62 6.62
CA VAL A 335 -10.35 -3.86 6.79
C VAL A 335 -10.98 -3.63 5.42
N VAL A 336 -12.27 -3.26 5.50
CA VAL A 336 -13.15 -3.02 4.37
C VAL A 336 -13.67 -1.61 4.49
N VAL A 337 -13.62 -0.87 3.36
CA VAL A 337 -14.14 0.48 3.29
C VAL A 337 -15.26 0.52 2.22
N PRO A 338 -16.52 0.85 2.59
CA PRO A 338 -17.58 0.88 1.59
C PRO A 338 -17.45 2.00 0.59
N GLY A 339 -17.80 1.67 -0.65
CA GLY A 339 -17.79 2.70 -1.68
C GLY A 339 -18.74 2.36 -2.81
N GLN A 340 -18.62 3.17 -3.84
CA GLN A 340 -19.49 3.02 -5.02
C GLN A 340 -18.75 3.58 -6.21
N TYR A 341 -19.19 3.19 -7.41
CA TYR A 341 -18.59 3.62 -8.67
C TYR A 341 -19.52 4.63 -9.33
N SER A 342 -18.91 5.62 -9.94
CA SER A 342 -19.62 6.50 -10.84
C SER A 342 -19.99 5.77 -12.11
N ALA A 343 -20.79 6.45 -12.95
CA ALA A 343 -21.22 5.84 -14.21
C ALA A 343 -20.07 5.55 -15.08
N SER A 344 -18.93 6.23 -14.95
CA SER A 344 -17.76 5.93 -15.80
C SER A 344 -16.69 5.11 -15.06
N GLY A 345 -16.99 4.60 -13.86
CA GLY A 345 -16.09 3.70 -13.20
C GLY A 345 -15.17 4.28 -12.16
N GLU A 346 -15.38 5.48 -11.74
CA GLU A 346 -14.51 6.05 -10.67
C GLU A 346 -15.02 5.62 -9.33
N TRP A 347 -14.15 5.10 -8.48
CA TRP A 347 -14.55 4.70 -7.13
C TRP A 347 -14.49 5.91 -6.22
N SER A 348 -15.43 6.03 -5.31
CA SER A 348 -15.38 6.90 -4.18
C SER A 348 -15.90 6.19 -2.94
N PRO A 349 -15.46 6.59 -1.76
CA PRO A 349 -16.05 6.05 -0.51
C PRO A 349 -17.47 6.51 -0.35
N THR A 350 -18.27 5.71 0.34
CA THR A 350 -19.64 6.14 0.65
C THR A 350 -19.65 7.21 1.67
N ALA A 351 -18.82 7.11 2.72
CA ALA A 351 -18.81 8.16 3.73
C ALA A 351 -18.14 9.42 3.34
N PRO A 352 -18.69 10.59 3.69
CA PRO A 352 -17.91 11.79 3.66
C PRO A 352 -16.61 11.67 4.45
N LEU A 353 -15.58 12.39 3.99
CA LEU A 353 -14.25 12.35 4.64
C LEU A 353 -14.36 12.56 6.12
N ALA A 354 -15.14 13.56 6.58
CA ALA A 354 -15.20 13.91 7.99
C ALA A 354 -15.93 12.88 8.84
N GLN A 355 -16.70 12.01 8.20
CA GLN A 355 -17.42 10.92 8.82
C GLN A 355 -16.74 9.56 8.65
N SER A 356 -15.52 9.56 8.11
CA SER A 356 -14.95 8.29 7.69
C SER A 356 -14.27 7.49 8.82
N ARG A 357 -14.13 8.07 10.00
CA ARG A 357 -13.50 7.36 11.11
C ARG A 357 -14.25 6.08 11.48
N THR A 358 -15.56 6.10 11.31
CA THR A 358 -16.41 4.97 11.71
C THR A 358 -16.99 4.24 10.51
N ALA A 359 -16.48 4.50 9.29
CA ALA A 359 -17.03 3.90 8.10
C ALA A 359 -16.53 2.55 7.69
N TRP A 360 -15.33 2.24 8.18
CA TRP A 360 -14.68 1.02 7.81
C TRP A 360 -15.02 -0.10 8.81
N SER A 361 -14.81 -1.33 8.35
CA SER A 361 -15.07 -2.51 9.18
CA SER A 361 -15.10 -2.54 9.15
C SER A 361 -13.96 -3.53 9.11
N ASP A 362 -13.80 -4.30 10.17
CA ASP A 362 -12.84 -5.38 10.16
C ASP A 362 -13.26 -6.51 9.26
N LEU A 363 -12.29 -7.12 8.54
CA LEU A 363 -12.44 -8.30 7.77
C LEU A 363 -11.67 -9.47 8.38
N LEU A 364 -10.37 -9.27 8.65
CA LEU A 364 -9.47 -10.29 9.17
C LEU A 364 -8.72 -9.69 10.31
N THR A 365 -8.81 -10.27 11.49
CA THR A 365 -8.16 -9.71 12.68
C THR A 365 -7.41 -10.74 13.47
N ASN A 366 -6.52 -10.20 14.30
CA ASN A 366 -5.83 -10.99 15.35
C ASN A 366 -6.76 -11.10 16.55
N ARG A 367 -6.34 -11.89 17.54
CA ARG A 367 -7.14 -12.10 18.76
C ARG A 367 -7.47 -10.80 19.45
N ASN A 368 -6.45 -9.96 19.63
CA ASN A 368 -6.59 -8.65 20.28
CA ASN A 368 -6.65 -8.60 20.14
C ASN A 368 -5.51 -7.71 19.67
N GLU A 369 -5.82 -6.68 18.86
CA GLU A 369 -4.80 -5.84 18.28
C GLU A 369 -3.96 -5.18 19.36
N ASN A 370 -4.54 -4.91 20.52
CA ASN A 370 -3.75 -4.24 21.61
C ASN A 370 -2.70 -5.13 22.25
N GLN A 371 -2.77 -6.43 22.02
CA GLN A 371 -1.75 -7.37 22.40
C GLN A 371 -0.67 -7.59 21.38
N CYS A 372 -0.91 -7.10 20.16
CA CYS A 372 0.17 -7.15 19.18
C CYS A 372 1.21 -6.09 19.48
N SER A 373 2.36 -6.18 18.81
CA SER A 373 3.41 -5.20 19.02
C SER A 373 4.23 -4.98 17.79
N GLY A 374 4.69 -3.73 17.59
CA GLY A 374 5.60 -3.40 16.53
C GLY A 374 7.04 -3.30 17.02
N PHE A 375 7.20 -3.64 18.27
CA PHE A 375 8.56 -3.71 18.91
C PHE A 375 8.70 -5.08 19.53
N GLY A 376 9.80 -5.75 19.31
CA GLY A 376 10.00 -7.05 19.88
C GLY A 376 9.11 -8.05 19.17
N ASN A 377 8.75 -9.15 19.85
CA ASN A 377 7.93 -10.13 19.16
C ASN A 377 6.56 -9.52 18.86
N ALA A 378 6.07 -9.78 17.66
CA ALA A 378 4.82 -9.20 17.26
C ALA A 378 3.58 -9.79 17.95
N ASN A 379 3.65 -11.09 18.26
CA ASN A 379 2.56 -11.82 18.91
C ASN A 379 1.29 -11.93 18.04
N CYS A 380 1.44 -11.62 16.77
CA CYS A 380 0.32 -11.39 15.86
C CYS A 380 0.81 -11.54 14.42
N PHE A 381 -0.09 -11.89 13.52
CA PHE A 381 0.21 -11.78 12.07
C PHE A 381 0.14 -10.29 11.73
N ARG A 382 0.90 -9.93 10.71
CA ARG A 382 1.02 -8.54 10.26
C ARG A 382 0.76 -8.41 8.76
N PRO A 383 -0.48 -8.06 8.35
CA PRO A 383 -0.79 -8.03 6.94
C PRO A 383 0.05 -7.04 6.15
N VAL A 384 0.45 -7.50 4.97
CA VAL A 384 1.23 -6.70 4.01
C VAL A 384 0.51 -6.59 2.67
N GLY A 385 0.42 -7.69 1.95
CA GLY A 385 -0.07 -7.71 0.58
C GLY A 385 -1.43 -8.36 0.49
N LEU A 386 -2.18 -7.91 -0.52
CA LEU A 386 -3.49 -8.42 -0.91
C LEU A 386 -3.58 -8.73 -2.36
N VAL A 387 -4.33 -9.79 -2.73
CA VAL A 387 -4.76 -9.98 -4.12
C VAL A 387 -5.99 -10.84 -4.17
N TRP A 388 -6.96 -10.40 -4.95
CA TRP A 388 -8.18 -11.19 -5.23
C TRP A 388 -7.97 -12.13 -6.41
N SER A 389 -8.49 -13.36 -6.25
CA SER A 389 -8.65 -14.21 -7.43
C SER A 389 -9.58 -13.57 -8.48
N ALA A 390 -9.42 -13.94 -9.71
CA ALA A 390 -10.20 -13.34 -10.77
C ALA A 390 -11.67 -13.49 -10.67
N ASP A 391 -12.12 -14.61 -10.05
CA ASP A 391 -13.51 -14.76 -9.80
C ASP A 391 -14.09 -14.00 -8.63
N GLY A 392 -13.23 -13.27 -7.92
CA GLY A 392 -13.66 -12.48 -6.76
C GLY A 392 -13.97 -13.27 -5.50
N GLN A 393 -13.63 -14.56 -5.51
CA GLN A 393 -14.02 -15.45 -4.43
C GLN A 393 -13.00 -15.69 -3.36
N ASN A 394 -11.76 -15.37 -3.67
CA ASN A 394 -10.63 -15.68 -2.78
C ASN A 394 -9.77 -14.39 -2.68
N LEU A 395 -9.46 -14.02 -1.46
CA LEU A 395 -8.56 -12.90 -1.17
C LEU A 395 -7.35 -13.44 -0.49
N TYR A 396 -6.18 -13.35 -1.09
CA TYR A 396 -4.91 -13.75 -0.48
C TYR A 396 -4.30 -12.60 0.31
N VAL A 397 -3.67 -12.93 1.42
CA VAL A 397 -3.05 -11.94 2.37
C VAL A 397 -1.72 -12.44 2.80
N SER A 398 -0.66 -11.65 2.65
CA SER A 398 0.63 -12.01 3.17
C SER A 398 0.87 -11.38 4.53
N SER A 399 1.72 -12.03 5.35
CA SER A 399 2.17 -11.54 6.65
C SER A 399 3.67 -11.79 6.73
N ASP A 400 4.44 -10.69 6.61
CA ASP A 400 5.87 -10.84 6.46
C ASP A 400 6.58 -11.42 7.66
N THR A 401 6.28 -10.86 8.81
CA THR A 401 6.98 -11.19 10.02
C THR A 401 6.59 -12.56 10.54
N SER A 402 5.48 -13.14 10.10
CA SER A 402 5.18 -14.52 10.49
C SER A 402 5.45 -15.53 9.42
N GLY A 403 5.93 -15.11 8.25
CA GLY A 403 6.28 -15.99 7.18
C GLY A 403 5.10 -16.71 6.52
N GLU A 404 3.92 -16.05 6.48
CA GLU A 404 2.71 -16.68 6.05
C GLU A 404 2.02 -16.03 4.88
N VAL A 405 1.30 -16.81 4.06
CA VAL A 405 0.30 -16.30 3.18
C VAL A 405 -0.97 -17.07 3.50
N PHE A 406 -2.05 -16.33 3.59
CA PHE A 406 -3.43 -16.83 3.84
C PHE A 406 -4.33 -16.71 2.68
N ILE A 407 -5.39 -17.54 2.66
CA ILE A 407 -6.50 -17.42 1.76
C ILE A 407 -7.76 -17.11 2.58
N ILE A 408 -8.48 -16.07 2.19
CA ILE A 408 -9.80 -15.76 2.67
C ILE A 408 -10.75 -16.15 1.59
N LYS A 409 -11.68 -17.09 1.93
CA LYS A 409 -12.65 -17.62 0.95
C LYS A 409 -14.04 -17.23 1.20
N ARG A 410 -14.73 -16.74 0.15
CA ARG A 410 -16.19 -16.63 0.23
C ARG A 410 -16.79 -18.04 0.18
C1 NAG B . -23.08 -10.89 -4.50
C2 NAG B . -24.03 -10.43 -3.42
C3 NAG B . -24.27 -11.51 -2.38
C4 NAG B . -24.70 -12.81 -3.00
C5 NAG B . -23.74 -13.16 -4.13
C6 NAG B . -24.37 -14.36 -4.88
C7 NAG B . -23.80 -8.11 -2.84
C8 NAG B . -22.94 -7.15 -2.06
N2 NAG B . -23.41 -9.33 -2.73
O3 NAG B . -25.29 -10.99 -1.47
O4 NAG B . -24.78 -13.91 -2.04
O5 NAG B . -23.73 -12.09 -5.05
O6 NAG B . -23.56 -14.68 -5.98
O7 NAG B . -24.78 -7.78 -3.52
CA CA C . 3.68 6.44 10.93
S SO4 D . 6.59 4.82 9.59
O1 SO4 D . 7.74 5.58 10.36
O2 SO4 D . 6.33 3.53 10.33
O3 SO4 D . 5.37 5.70 9.54
O4 SO4 D . 7.16 4.58 8.22
C FMT E . 3.55 3.82 13.06
O1 FMT E . 3.29 5.00 12.77
O2 FMT E . 3.25 3.27 14.17
C1 PGE F . -14.90 -2.02 13.27
O1 PGE F . -15.15 -3.28 12.61
C2 PGE F . -14.12 -1.86 14.55
O2 PGE F . -13.45 -3.03 15.08
C3 PGE F . -12.02 -2.91 15.27
C4 PGE F . -11.47 -4.09 16.11
O4 PGE F . -8.00 -6.57 16.88
C6 PGE F . -9.15 -6.61 16.10
C5 PGE F . -9.28 -5.28 15.55
O3 PGE F . -10.04 -4.37 16.35
C1 GOL G . 7.12 -1.29 12.05
O1 GOL G . 5.93 -1.35 12.93
C2 GOL G . 8.12 -1.74 13.02
O2 GOL G . 7.12 -2.63 13.68
C3 GOL G . 9.37 -2.22 12.25
O3 GOL G . 9.05 -3.14 11.14
C1 GOL H . -8.84 -5.05 -7.87
C1 GOL H . -8.33 -5.32 -8.22
O1 GOL H . -8.57 -5.90 -6.80
O1 GOL H . -8.54 -5.72 -6.86
C2 GOL H . -7.70 -4.06 -7.99
C2 GOL H . -7.65 -3.95 -8.28
O2 GOL H . -7.98 -2.94 -7.15
O2 GOL H . -7.92 -3.11 -7.10
C3 GOL H . -7.59 -3.71 -9.48
C3 GOL H . -8.04 -3.26 -9.61
O3 GOL H . -6.93 -2.45 -9.80
O3 GOL H . -9.33 -2.69 -9.56
#